data_7CZ2
#
_entry.id   7CZ2
#
_cell.length_a   83.650
_cell.length_b   83.650
_cell.length_c   100.760
_cell.angle_alpha   90.000
_cell.angle_beta   90.000
_cell.angle_gamma   120.000
#
_symmetry.space_group_name_H-M   'P 32 2 1'
#
loop_
_entity.id
_entity.type
_entity.pdbx_description
1 polymer 'ABC1 family protein'
2 non-polymer "ADENOSINE-5'-DIPHOSPHATE"
3 non-polymer 'CALCIUM ION'
4 non-polymer GLYCEROL
5 water water
#
_entity_poly.entity_id   1
_entity_poly.type   'polypeptide(L)'
_entity_poly.pdbx_seq_one_letter_code
;MSDIKRGSVARNAKLAGLAGGMAGRAALGFGKRLTGKSKDEVTAELMDKAAQQLFTVLGELKGGAMKVGQALSVMEAAIP
EQYGKPYREALTKLQKDAPPLPAAKVHRVLDAQLGTKWRDRFSSFDDKPVASASIGQVHKGIWSDGREVAVKIQYPGADE
ALRADLKTIQRLVGVFKQLAPGADIQGVVDELTERTEMELDYRLEADNQRAFAKAYRNDPHFAVPAIIASAPKVVISEWM
EGIPMSVIIREGTPEQRDLMGTRLTELTFGAPARLEMMHGDAHPGNFMLLPDGRMGVIDFGAVAPLPGGFPTSLGETIRL
ARDKNYDELLPTMERAGFLQKGQEVSIEEVEDMLRQYVDPIKVDVFHYNRKWLQKMAASQMDNSVAQIKMARSLDLPANL
AIPLRVIASTVAICCQLDAHVPVKVIATELVPGFAEEAA
;
_entity_poly.pdbx_strand_id   A
#
# COMPACT_ATOMS: atom_id res chain seq x y z
N PRO A 100 23.05 9.96 1.44
CA PRO A 100 22.67 9.92 2.89
C PRO A 100 22.87 11.25 3.62
N LEU A 101 21.82 11.76 4.26
CA LEU A 101 21.88 13.06 4.98
C LEU A 101 22.87 12.90 6.12
N PRO A 102 23.95 13.71 6.18
CA PRO A 102 24.95 13.59 7.23
C PRO A 102 24.44 13.95 8.63
N ALA A 103 25.15 13.43 9.64
CA ALA A 103 24.71 13.39 11.06
C ALA A 103 24.33 14.80 11.52
N ALA A 104 25.18 15.78 11.22
CA ALA A 104 24.93 17.18 11.66
C ALA A 104 23.57 17.64 11.15
N LYS A 105 23.22 17.32 9.91
CA LYS A 105 21.95 17.79 9.29
C LYS A 105 20.75 17.03 9.84
N VAL A 106 20.92 15.73 10.08
CA VAL A 106 19.91 14.86 10.72
C VAL A 106 19.57 15.49 12.07
N HIS A 107 20.59 15.84 12.82
CA HIS A 107 20.36 16.40 14.18
C HIS A 107 19.64 17.75 14.08
N ARG A 108 19.97 18.54 13.08
CA ARG A 108 19.36 19.88 12.89
C ARG A 108 17.89 19.73 12.57
N VAL A 109 17.51 18.72 11.78
CA VAL A 109 16.06 18.46 11.57
C VAL A 109 15.39 18.14 12.90
N LEU A 110 15.96 17.23 13.70
CA LEU A 110 15.31 16.80 14.94
C LEU A 110 15.25 17.98 15.90
N ASP A 111 16.29 18.80 15.94
CA ASP A 111 16.28 20.06 16.74
C ASP A 111 15.05 20.91 16.39
N ALA A 112 14.80 21.13 15.10
CA ALA A 112 13.69 21.98 14.63
C ALA A 112 12.35 21.34 14.91
N GLN A 113 12.25 20.01 14.71
CA GLN A 113 10.96 19.31 14.79
C GLN A 113 10.59 18.95 16.22
N LEU A 114 11.56 18.45 17.02
CA LEU A 114 11.31 17.86 18.35
C LEU A 114 11.89 18.76 19.46
N GLY A 115 12.64 19.81 19.16
CA GLY A 115 13.28 20.64 20.21
C GLY A 115 14.74 20.29 20.37
N THR A 116 15.57 21.20 20.90
CA THR A 116 17.04 20.95 20.98
C THR A 116 17.36 19.85 22.00
N LYS A 117 16.42 19.42 22.83
CA LYS A 117 16.63 18.32 23.81
C LYS A 117 16.03 17.02 23.29
N TRP A 118 15.89 16.88 21.97
CA TRP A 118 15.31 15.63 21.42
C TRP A 118 16.07 14.38 21.88
N ARG A 119 17.40 14.47 21.99
CA ARG A 119 18.23 13.26 22.25
C ARG A 119 17.90 12.73 23.64
N ASP A 120 17.35 13.59 24.50
CA ASP A 120 16.95 13.15 25.87
C ASP A 120 15.71 12.22 25.88
N ARG A 121 14.93 12.20 24.81
CA ARG A 121 13.75 11.30 24.68
C ARG A 121 14.20 9.88 24.35
N PHE A 122 15.45 9.68 23.91
CA PHE A 122 15.96 8.34 23.52
C PHE A 122 16.88 7.76 24.58
N SER A 123 16.93 6.42 24.64
CA SER A 123 18.05 5.68 25.25
C SER A 123 19.18 5.53 24.23
N SER A 124 18.87 5.35 22.96
CA SER A 124 19.86 5.09 21.92
C SER A 124 19.37 5.70 20.61
N PHE A 125 20.29 6.24 19.85
CA PHE A 125 20.06 6.81 18.51
C PHE A 125 21.29 6.60 17.65
N ASP A 126 21.10 5.86 16.56
CA ASP A 126 22.22 5.48 15.66
C ASP A 126 22.18 6.40 14.44
N ASP A 127 23.27 7.12 14.19
CA ASP A 127 23.41 8.17 13.15
C ASP A 127 23.48 7.55 11.73
N LYS A 128 23.79 6.28 11.60
CA LYS A 128 23.86 5.60 10.29
C LYS A 128 22.46 5.10 9.98
N PRO A 129 21.78 5.72 8.99
CA PRO A 129 20.41 5.33 8.66
C PRO A 129 20.37 3.85 8.23
N VAL A 130 19.28 3.20 8.56
CA VAL A 130 19.10 1.76 8.21
C VAL A 130 18.39 1.62 6.87
N ALA A 131 17.63 2.62 6.43
CA ALA A 131 16.93 2.57 5.12
C ALA A 131 16.72 3.98 4.58
N SER A 132 16.60 4.09 3.26
CA SER A 132 16.14 5.34 2.62
C SER A 132 14.62 5.28 2.57
N ALA A 133 14.02 6.45 2.51
CA ALA A 133 12.59 6.66 2.26
C ALA A 133 12.49 7.55 1.01
N SER A 134 11.28 7.72 0.51
CA SER A 134 10.95 8.49 -0.72
C SER A 134 11.64 9.86 -0.67
N ILE A 135 11.44 10.63 0.40
CA ILE A 135 12.03 11.98 0.55
C ILE A 135 12.69 12.13 1.93
N GLY A 136 13.37 11.09 2.40
CA GLY A 136 14.07 11.09 3.70
C GLY A 136 14.79 9.80 3.94
N GLN A 137 15.10 9.55 5.21
CA GLN A 137 15.82 8.35 5.59
C GLN A 137 15.32 7.91 6.97
N VAL A 138 15.49 6.62 7.26
CA VAL A 138 14.99 6.00 8.50
C VAL A 138 16.21 5.60 9.33
N HIS A 139 16.12 5.98 10.61
CA HIS A 139 17.10 5.64 11.67
C HIS A 139 16.46 4.66 12.63
N LYS A 140 17.31 3.86 13.24
CA LYS A 140 16.89 3.01 14.36
C LYS A 140 17.38 3.64 15.65
N GLY A 141 16.55 3.58 16.68
CA GLY A 141 16.96 4.00 18.03
C GLY A 141 16.24 3.15 19.07
N ILE A 142 16.41 3.56 20.32
CA ILE A 142 15.64 2.98 21.44
C ILE A 142 15.07 4.15 22.22
N TRP A 143 13.79 4.12 22.46
CA TRP A 143 13.10 5.17 23.23
C TRP A 143 13.55 5.10 24.70
N SER A 144 13.39 6.19 25.43
CA SER A 144 13.75 6.22 26.87
C SER A 144 13.07 5.06 27.62
N ASP A 145 11.90 4.58 27.20
CA ASP A 145 11.16 3.46 27.85
C ASP A 145 11.65 2.07 27.38
N GLY A 146 12.72 1.95 26.59
CA GLY A 146 13.28 0.67 26.17
C GLY A 146 12.71 0.12 24.86
N ARG A 147 11.67 0.70 24.28
CA ARG A 147 11.11 0.30 22.94
C ARG A 147 12.07 0.70 21.84
N GLU A 148 12.46 -0.25 21.03
CA GLU A 148 13.14 -0.01 19.75
C GLU A 148 12.17 0.78 18.85
N VAL A 149 12.74 1.76 18.13
CA VAL A 149 11.94 2.70 17.31
C VAL A 149 12.60 2.89 15.97
N ALA A 150 11.72 3.16 15.00
CA ALA A 150 12.02 3.73 13.67
C ALA A 150 11.84 5.25 13.72
N VAL A 151 12.82 5.97 13.23
CA VAL A 151 12.74 7.45 13.16
C VAL A 151 12.86 7.84 11.70
N LYS A 152 11.76 8.26 11.13
CA LYS A 152 11.74 8.67 9.71
C LYS A 152 11.89 10.19 9.65
N ILE A 153 12.93 10.64 8.97
CA ILE A 153 13.36 12.07 8.90
C ILE A 153 13.33 12.53 7.45
N GLN A 154 12.54 13.59 7.21
CA GLN A 154 12.41 14.17 5.86
C GLN A 154 13.68 14.94 5.51
N TYR A 155 14.15 14.86 4.25
CA TYR A 155 15.29 15.71 3.80
C TYR A 155 14.84 17.19 3.79
N PRO A 156 15.68 18.12 4.30
CA PRO A 156 15.29 19.53 4.29
C PRO A 156 14.99 20.13 2.90
N GLY A 157 15.66 19.63 1.89
CA GLY A 157 15.56 20.13 0.51
C GLY A 157 14.42 19.45 -0.24
N ALA A 158 13.69 18.51 0.38
CA ALA A 158 12.66 17.73 -0.36
C ALA A 158 11.57 18.65 -0.87
N ASP A 159 11.09 19.59 -0.06
CA ASP A 159 9.92 20.41 -0.47
CA ASP A 159 9.97 20.50 -0.39
C ASP A 159 10.33 21.27 -1.67
N GLU A 160 11.48 21.91 -1.67
CA GLU A 160 11.89 22.66 -2.83
C GLU A 160 12.04 21.83 -4.11
N ALA A 161 12.56 20.64 -3.94
CA ALA A 161 12.87 19.74 -5.08
C ALA A 161 11.55 19.27 -5.67
N LEU A 162 10.60 18.86 -4.83
CA LEU A 162 9.30 18.36 -5.32
C LEU A 162 8.49 19.51 -5.95
N ARG A 163 8.47 20.67 -5.32
CA ARG A 163 7.77 21.84 -5.85
C ARG A 163 8.36 22.24 -7.21
N ALA A 164 9.68 22.30 -7.35
CA ALA A 164 10.33 22.67 -8.63
C ALA A 164 9.84 21.69 -9.72
N ASP A 165 9.78 20.41 -9.40
CA ASP A 165 9.34 19.37 -10.36
C ASP A 165 7.87 19.57 -10.74
N LEU A 166 6.98 19.89 -9.79
CA LEU A 166 5.56 20.20 -10.07
C LEU A 166 5.45 21.38 -11.03
N LYS A 167 6.24 22.41 -10.81
CA LYS A 167 6.20 23.58 -11.71
C LYS A 167 6.65 23.16 -13.11
N THR A 168 7.69 22.34 -13.22
CA THR A 168 8.18 21.85 -14.54
C THR A 168 7.08 21.02 -15.24
N ILE A 169 6.47 20.09 -14.53
CA ILE A 169 5.36 19.28 -15.07
C ILE A 169 4.27 20.24 -15.53
N GLN A 170 3.95 21.26 -14.73
CA GLN A 170 2.79 22.13 -15.10
C GLN A 170 3.08 22.84 -16.42
N ARG A 171 4.32 23.32 -16.60
CA ARG A 171 4.75 24.04 -17.83
C ARG A 171 4.67 23.06 -19.01
N LEU A 172 5.22 21.85 -18.84
CA LEU A 172 5.32 20.86 -19.94
C LEU A 172 3.93 20.39 -20.39
N VAL A 173 2.99 20.20 -19.48
CA VAL A 173 1.62 19.71 -19.81
C VAL A 173 0.78 20.83 -20.46
N GLY A 174 0.87 22.07 -19.96
CA GLY A 174 0.24 23.25 -20.61
C GLY A 174 0.45 23.24 -22.13
N VAL A 175 1.66 22.90 -22.58
CA VAL A 175 2.00 22.69 -24.02
C VAL A 175 1.02 21.71 -24.67
N PHE A 176 0.74 20.60 -24.01
CA PHE A 176 -0.02 19.49 -24.63
C PHE A 176 -1.52 19.79 -24.59
N LYS A 177 -1.98 20.69 -23.71
CA LYS A 177 -3.45 20.90 -23.55
C LYS A 177 -4.04 21.48 -24.86
N GLN A 178 -3.27 22.24 -25.64
CA GLN A 178 -3.77 22.83 -26.92
C GLN A 178 -3.95 21.74 -27.99
N LEU A 179 -3.20 20.62 -27.90
CA LEU A 179 -3.30 19.44 -28.82
C LEU A 179 -4.45 18.54 -28.38
N ALA A 180 -4.47 18.18 -27.09
CA ALA A 180 -5.37 17.19 -26.43
C ALA A 180 -6.40 17.87 -25.55
N PRO A 181 -7.20 18.83 -26.07
CA PRO A 181 -8.03 19.66 -25.20
C PRO A 181 -9.04 18.84 -24.37
N GLY A 182 -9.22 17.56 -24.66
CA GLY A 182 -10.13 16.65 -23.94
C GLY A 182 -9.47 16.01 -22.71
N ALA A 183 -8.14 15.86 -22.75
CA ALA A 183 -7.32 15.16 -21.73
C ALA A 183 -7.34 15.93 -20.40
N ASP A 184 -7.69 15.27 -19.29
CA ASP A 184 -7.82 15.93 -17.95
C ASP A 184 -6.41 16.15 -17.40
N ILE A 185 -5.58 16.85 -18.15
CA ILE A 185 -4.13 17.00 -17.85
C ILE A 185 -3.98 17.88 -16.61
N GLN A 186 -4.84 18.88 -16.46
CA GLN A 186 -4.77 19.77 -15.29
C GLN A 186 -5.12 18.99 -14.02
N GLY A 187 -5.97 17.96 -14.12
CA GLY A 187 -6.44 17.12 -13.01
C GLY A 187 -5.34 16.24 -12.45
N VAL A 188 -4.47 15.74 -13.31
CA VAL A 188 -3.28 14.94 -12.94
C VAL A 188 -2.31 15.83 -12.17
N VAL A 189 -2.08 17.03 -12.67
CA VAL A 189 -1.14 17.95 -12.00
C VAL A 189 -1.76 18.36 -10.64
N ASP A 190 -3.08 18.56 -10.58
CA ASP A 190 -3.75 18.93 -9.30
C ASP A 190 -3.64 17.78 -8.31
N GLU A 191 -3.76 16.55 -8.77
CA GLU A 191 -3.61 15.33 -7.95
C GLU A 191 -2.17 15.20 -7.46
N LEU A 192 -1.18 15.45 -8.32
CA LEU A 192 0.23 15.33 -7.88
C LEU A 192 0.51 16.42 -6.85
N THR A 193 -0.09 17.59 -7.04
CA THR A 193 0.07 18.72 -6.11
C THR A 193 -0.48 18.27 -4.76
N GLU A 194 -1.69 17.71 -4.75
CA GLU A 194 -2.33 17.30 -3.48
C GLU A 194 -1.51 16.18 -2.82
N ARG A 195 -1.03 15.20 -3.57
CA ARG A 195 -0.19 14.10 -3.01
C ARG A 195 1.16 14.62 -2.48
N THR A 196 1.77 15.60 -3.15
CA THR A 196 3.00 16.24 -2.64
C THR A 196 2.75 16.93 -1.28
N GLU A 197 1.67 17.73 -1.16
CA GLU A 197 1.32 18.44 0.09
C GLU A 197 1.18 17.39 1.20
N MET A 198 0.56 16.27 0.88
CA MET A 198 0.33 15.22 1.89
C MET A 198 1.66 14.63 2.32
N GLU A 199 2.52 14.26 1.37
CA GLU A 199 3.78 13.57 1.66
C GLU A 199 4.73 14.50 2.45
N LEU A 200 4.62 15.83 2.28
CA LEU A 200 5.52 16.77 2.96
C LEU A 200 5.09 16.99 4.41
N ASP A 201 3.93 16.48 4.80
CA ASP A 201 3.44 16.60 6.17
C ASP A 201 3.23 15.20 6.72
N TYR A 202 4.26 14.67 7.35
CA TYR A 202 4.29 13.32 7.98
C TYR A 202 3.26 13.21 9.11
N ARG A 203 2.64 14.29 9.59
CA ARG A 203 1.50 14.13 10.53
C ARG A 203 0.35 13.35 9.88
N LEU A 204 0.14 13.47 8.56
CA LEU A 204 -1.00 12.83 7.88
C LEU A 204 -0.77 11.33 7.83
N GLU A 205 0.44 10.87 7.45
CA GLU A 205 0.78 9.43 7.46
C GLU A 205 0.64 8.92 8.91
N ALA A 206 1.09 9.69 9.89
CA ALA A 206 1.01 9.25 11.29
C ALA A 206 -0.46 9.10 11.69
N ASP A 207 -1.35 10.01 11.29
CA ASP A 207 -2.78 9.89 11.62
C ASP A 207 -3.36 8.61 10.99
N ASN A 208 -3.00 8.35 9.74
CA ASN A 208 -3.45 7.15 8.99
C ASN A 208 -2.97 5.89 9.73
N GLN A 209 -1.71 5.88 10.14
CA GLN A 209 -1.10 4.75 10.91
C GLN A 209 -1.86 4.54 12.22
N ARG A 210 -2.22 5.61 12.96
CA ARG A 210 -2.99 5.42 14.21
C ARG A 210 -4.33 4.75 13.95
N ALA A 211 -5.02 5.12 12.86
CA ALA A 211 -6.29 4.52 12.49
C ALA A 211 -6.10 3.02 12.24
N PHE A 212 -5.11 2.65 11.45
CA PHE A 212 -4.81 1.22 11.19
C PHE A 212 -4.38 0.47 12.48
N ALA A 213 -3.59 1.10 13.35
CA ALA A 213 -3.12 0.51 14.61
C ALA A 213 -4.32 0.20 15.49
N LYS A 214 -5.34 1.07 15.48
CA LYS A 214 -6.57 0.83 16.27
C LYS A 214 -7.39 -0.28 15.61
N ALA A 215 -7.52 -0.29 14.29
CA ALA A 215 -8.35 -1.25 13.54
C ALA A 215 -7.76 -2.66 13.71
N TYR A 216 -6.44 -2.77 13.76
CA TYR A 216 -5.71 -4.05 13.80
C TYR A 216 -5.13 -4.30 15.21
N ARG A 217 -5.63 -3.59 16.22
CA ARG A 217 -5.23 -3.79 17.62
C ARG A 217 -5.54 -5.24 17.99
N ASN A 218 -4.52 -5.93 18.47
CA ASN A 218 -4.56 -7.33 18.94
C ASN A 218 -5.02 -8.21 17.80
N ASP A 219 -4.71 -7.86 16.56
CA ASP A 219 -5.11 -8.73 15.44
C ASP A 219 -4.22 -9.96 15.48
N PRO A 220 -4.79 -11.17 15.25
CA PRO A 220 -3.97 -12.38 15.21
C PRO A 220 -3.04 -12.46 13.99
N HIS A 221 -3.30 -11.72 12.92
CA HIS A 221 -2.57 -11.83 11.63
C HIS A 221 -1.69 -10.62 11.28
N PHE A 222 -1.98 -9.46 11.84
CA PHE A 222 -1.35 -8.19 11.39
C PHE A 222 -0.80 -7.40 12.56
N ALA A 223 0.40 -6.89 12.40
CA ALA A 223 1.06 -6.02 13.40
C ALA A 223 1.33 -4.67 12.73
N VAL A 224 0.71 -3.64 13.29
CA VAL A 224 0.94 -2.23 12.86
C VAL A 224 1.67 -1.54 14.01
N PRO A 225 2.82 -0.90 13.76
CA PRO A 225 3.57 -0.23 14.83
C PRO A 225 2.80 0.95 15.38
N ALA A 226 2.89 1.12 16.69
CA ALA A 226 2.30 2.29 17.35
C ALA A 226 3.10 3.53 16.92
N ILE A 227 2.42 4.66 16.73
CA ILE A 227 3.09 5.99 16.62
C ILE A 227 3.50 6.45 18.02
N ILE A 228 4.73 6.90 18.18
CA ILE A 228 5.28 7.42 19.47
C ILE A 228 5.33 8.96 19.40
N ALA A 229 5.76 9.52 18.27
CA ALA A 229 5.86 10.98 18.10
C ALA A 229 5.54 11.29 16.63
N SER A 230 4.82 12.39 16.38
CA SER A 230 4.68 12.85 14.97
C SER A 230 4.82 14.36 14.86
N ALA A 231 5.54 14.76 13.83
CA ALA A 231 5.80 16.15 13.46
C ALA A 231 5.73 16.20 11.94
N PRO A 232 5.65 17.41 11.36
CA PRO A 232 5.66 17.55 9.91
C PRO A 232 6.79 16.79 9.20
N LYS A 233 8.02 16.76 9.76
CA LYS A 233 9.20 16.24 9.04
C LYS A 233 9.80 15.06 9.79
N VAL A 234 9.16 14.59 10.85
CA VAL A 234 9.72 13.45 11.64
C VAL A 234 8.57 12.57 12.12
N VAL A 235 8.67 11.26 11.87
CA VAL A 235 7.73 10.32 12.53
C VAL A 235 8.54 9.25 13.28
N ILE A 236 8.16 9.03 14.53
CA ILE A 236 8.78 8.02 15.42
C ILE A 236 7.69 6.99 15.71
N SER A 237 7.98 5.73 15.40
CA SER A 237 7.06 4.60 15.60
C SER A 237 7.87 3.43 16.18
N GLU A 238 7.16 2.43 16.65
CA GLU A 238 7.73 1.18 17.15
C GLU A 238 8.47 0.44 16.04
N TRP A 239 9.68 -0.01 16.28
CA TRP A 239 10.47 -0.80 15.31
C TRP A 239 9.74 -2.10 15.08
N MET A 240 9.59 -2.49 13.84
CA MET A 240 8.93 -3.76 13.46
C MET A 240 10.06 -4.73 13.09
N GLU A 241 10.26 -5.78 13.89
CA GLU A 241 11.34 -6.76 13.69
C GLU A 241 10.81 -8.01 12.97
N GLY A 242 11.31 -8.31 11.82
CA GLY A 242 10.77 -9.43 10.99
C GLY A 242 11.54 -9.47 9.70
N ILE A 243 11.23 -10.44 8.86
CA ILE A 243 11.99 -10.60 7.59
C ILE A 243 11.32 -9.77 6.55
N PRO A 244 12.05 -8.85 5.89
CA PRO A 244 11.43 -8.00 4.88
C PRO A 244 10.77 -8.86 3.77
N MET A 245 9.60 -8.47 3.29
CA MET A 245 8.96 -9.19 2.17
C MET A 245 9.93 -9.30 0.99
N SER A 246 10.77 -8.31 0.74
CA SER A 246 11.74 -8.33 -0.39
C SER A 246 12.70 -9.51 -0.22
N VAL A 247 13.10 -9.82 1.01
CA VAL A 247 13.97 -10.99 1.31
C VAL A 247 13.20 -12.28 1.00
N ILE A 248 11.94 -12.36 1.37
CA ILE A 248 11.09 -13.58 1.16
C ILE A 248 10.87 -13.78 -0.36
N ILE A 249 10.65 -12.71 -1.12
CA ILE A 249 10.53 -12.81 -2.60
C ILE A 249 11.81 -13.45 -3.17
N ARG A 250 12.96 -13.06 -2.67
CA ARG A 250 14.26 -13.52 -3.24
C ARG A 250 14.59 -14.92 -2.72
N GLU A 251 14.41 -15.22 -1.43
CA GLU A 251 15.02 -16.45 -0.84
C GLU A 251 14.14 -17.05 0.26
N GLY A 252 12.82 -16.84 0.18
CA GLY A 252 11.86 -17.39 1.15
C GLY A 252 11.65 -18.88 0.95
N THR A 253 11.35 -19.62 2.01
CA THR A 253 10.75 -20.99 1.88
C THR A 253 9.41 -20.87 1.22
N PRO A 254 8.88 -21.96 0.61
CA PRO A 254 7.53 -21.90 0.09
C PRO A 254 6.53 -21.48 1.16
N GLU A 255 6.71 -21.98 2.38
CA GLU A 255 5.81 -21.65 3.51
C GLU A 255 5.80 -20.14 3.79
N GLN A 256 6.96 -19.49 3.83
CA GLN A 256 7.10 -18.04 4.09
C GLN A 256 6.46 -17.24 2.95
N ARG A 257 6.72 -17.67 1.73
CA ARG A 257 6.14 -17.03 0.53
C ARG A 257 4.62 -17.11 0.59
N ASP A 258 4.10 -18.32 0.84
CA ASP A 258 2.63 -18.54 0.88
C ASP A 258 2.02 -17.67 2.00
N LEU A 259 2.67 -17.63 3.16
CA LEU A 259 2.10 -16.86 4.30
C LEU A 259 2.06 -15.39 3.91
N MET A 260 3.10 -14.85 3.30
CA MET A 260 3.12 -13.40 3.01
C MET A 260 2.11 -13.07 1.91
N GLY A 261 1.87 -13.98 0.95
CA GLY A 261 0.83 -13.73 -0.05
C GLY A 261 -0.53 -13.81 0.57
N THR A 262 -0.74 -14.73 1.51
CA THR A 262 -2.04 -14.98 2.14
C THR A 262 -2.37 -13.78 3.02
N ARG A 263 -1.35 -13.29 3.73
CA ARG A 263 -1.56 -12.10 4.60
C ARG A 263 -1.88 -10.87 3.73
N LEU A 264 -1.15 -10.64 2.65
CA LEU A 264 -1.32 -9.45 1.81
C LEU A 264 -2.73 -9.51 1.20
N THR A 265 -3.16 -10.68 0.78
CA THR A 265 -4.53 -10.90 0.25
C THR A 265 -5.55 -10.52 1.30
N GLU A 266 -5.42 -11.02 2.52
CA GLU A 266 -6.36 -10.74 3.65
C GLU A 266 -6.35 -9.23 3.99
N LEU A 267 -5.18 -8.56 3.96
CA LEU A 267 -5.09 -7.08 4.22
C LEU A 267 -5.88 -6.30 3.17
N THR A 268 -5.67 -6.63 1.92
CA THR A 268 -6.23 -5.96 0.75
C THR A 268 -7.76 -6.15 0.77
N PHE A 269 -8.25 -7.39 0.92
CA PHE A 269 -9.70 -7.70 0.90
C PHE A 269 -10.41 -7.23 2.17
N GLY A 270 -9.75 -7.22 3.33
CA GLY A 270 -10.38 -7.09 4.66
C GLY A 270 -10.40 -5.66 5.20
N ALA A 271 -9.43 -4.83 4.84
CA ALA A 271 -9.24 -3.49 5.44
C ALA A 271 -10.51 -2.66 5.18
N PRO A 272 -11.11 -2.68 3.98
CA PRO A 272 -12.31 -1.85 3.77
C PRO A 272 -13.48 -2.15 4.71
N ALA A 273 -13.77 -3.42 5.01
CA ALA A 273 -14.85 -3.77 5.99
C ALA A 273 -14.43 -3.31 7.38
N ARG A 274 -13.14 -3.29 7.65
CA ARG A 274 -12.71 -3.04 9.04
C ARG A 274 -12.62 -1.54 9.33
N LEU A 275 -12.14 -0.69 8.44
CA LEU A 275 -12.02 0.75 8.76
C LEU A 275 -12.28 1.62 7.53
N GLU A 276 -12.95 1.09 6.52
CA GLU A 276 -13.38 1.83 5.31
C GLU A 276 -12.18 2.50 4.66
N MET A 277 -11.05 1.81 4.62
CA MET A 277 -9.86 2.30 3.92
C MET A 277 -9.08 1.09 3.40
N MET A 278 -8.23 1.32 2.44
CA MET A 278 -7.20 0.31 2.07
C MET A 278 -5.84 0.91 2.38
N HIS A 279 -4.90 0.04 2.73
CA HIS A 279 -3.48 0.40 2.67
C HIS A 279 -3.24 0.58 1.18
N GLY A 280 -2.59 1.64 0.78
CA GLY A 280 -2.72 2.03 -0.63
C GLY A 280 -1.41 1.84 -1.35
N ASP A 281 -0.48 1.09 -0.77
CA ASP A 281 0.85 0.91 -1.38
C ASP A 281 1.33 -0.51 -1.13
N ALA A 282 1.08 -1.40 -2.10
CA ALA A 282 1.47 -2.83 -1.98
C ALA A 282 2.96 -3.11 -2.22
N HIS A 283 3.85 -2.14 -2.17
CA HIS A 283 5.28 -2.37 -2.43
C HIS A 283 5.87 -3.24 -1.32
N PRO A 284 6.80 -4.16 -1.65
CA PRO A 284 7.39 -5.07 -0.66
C PRO A 284 8.14 -4.40 0.50
N GLY A 285 8.62 -3.18 0.32
CA GLY A 285 9.33 -2.46 1.39
C GLY A 285 8.38 -2.14 2.53
N ASN A 286 7.08 -2.29 2.37
CA ASN A 286 6.05 -1.89 3.40
C ASN A 286 5.66 -3.05 4.30
N PHE A 287 6.28 -4.21 4.08
CA PHE A 287 5.82 -5.41 4.73
C PHE A 287 6.96 -6.26 5.26
N MET A 288 6.66 -6.97 6.32
CA MET A 288 7.54 -7.99 6.81
C MET A 288 6.89 -9.18 7.51
N LEU A 289 7.63 -10.26 7.57
CA LEU A 289 7.16 -11.49 8.18
C LEU A 289 7.72 -11.66 9.59
N LEU A 290 6.83 -11.57 10.56
CA LEU A 290 7.20 -11.70 11.99
C LEU A 290 7.28 -13.19 12.31
N PRO A 291 8.13 -13.56 13.28
CA PRO A 291 8.30 -14.98 13.62
C PRO A 291 7.05 -15.64 14.19
N ASP A 292 6.08 -14.90 14.73
CA ASP A 292 4.84 -15.50 15.26
C ASP A 292 3.84 -15.78 14.13
N GLY A 293 4.15 -15.37 12.90
CA GLY A 293 3.34 -15.56 11.68
C GLY A 293 2.55 -14.34 11.28
N ARG A 294 2.57 -13.28 12.09
CA ARG A 294 1.91 -12.02 11.67
C ARG A 294 2.66 -11.36 10.51
N MET A 295 1.93 -10.61 9.70
CA MET A 295 2.57 -9.70 8.75
C MET A 295 2.58 -8.30 9.36
N GLY A 296 3.78 -7.74 9.42
CA GLY A 296 4.03 -6.37 9.86
C GLY A 296 3.75 -5.45 8.70
N VAL A 297 3.01 -4.38 8.96
CA VAL A 297 2.54 -3.44 7.92
C VAL A 297 2.99 -2.03 8.31
N ILE A 298 3.79 -1.41 7.46
CA ILE A 298 4.30 -0.03 7.69
C ILE A 298 3.93 0.83 6.49
N ASP A 299 4.24 2.12 6.60
CA ASP A 299 4.08 3.15 5.53
C ASP A 299 2.60 3.41 5.27
N PHE A 300 2.00 4.40 5.92
CA PHE A 300 0.56 4.73 5.74
C PHE A 300 0.48 6.09 5.04
N GLY A 301 1.48 6.47 4.27
CA GLY A 301 1.46 7.70 3.48
C GLY A 301 0.38 7.70 2.40
N ALA A 302 -0.06 6.53 1.92
CA ALA A 302 -0.92 6.43 0.72
C ALA A 302 -2.18 5.61 0.90
N VAL A 303 -2.96 5.81 1.95
CA VAL A 303 -4.23 5.05 2.18
C VAL A 303 -5.33 5.48 1.22
N ALA A 304 -6.21 4.55 0.86
CA ALA A 304 -7.35 4.78 -0.07
C ALA A 304 -8.66 4.74 0.69
N PRO A 305 -9.46 5.84 0.71
CA PRO A 305 -10.74 5.80 1.43
C PRO A 305 -11.73 4.97 0.59
N LEU A 306 -12.56 4.17 1.26
CA LEU A 306 -13.58 3.30 0.64
C LEU A 306 -14.78 3.27 1.57
N PRO A 307 -15.44 4.43 1.80
CA PRO A 307 -16.56 4.51 2.74
C PRO A 307 -17.66 3.51 2.33
N GLY A 308 -18.27 2.83 3.31
CA GLY A 308 -19.21 1.72 3.10
C GLY A 308 -18.52 0.43 2.66
N GLY A 309 -17.20 0.46 2.43
CA GLY A 309 -16.44 -0.74 2.04
C GLY A 309 -16.63 -1.04 0.56
N PHE A 310 -16.14 -2.20 0.10
CA PHE A 310 -16.36 -2.67 -1.29
C PHE A 310 -17.86 -2.69 -1.58
N PRO A 311 -18.30 -2.26 -2.78
CA PRO A 311 -19.68 -2.47 -3.23
C PRO A 311 -19.91 -3.95 -3.56
N THR A 312 -21.04 -4.55 -3.12
CA THR A 312 -21.38 -5.99 -3.30
C THR A 312 -21.21 -6.38 -4.77
N SER A 313 -21.29 -5.39 -5.66
CA SER A 313 -21.18 -5.54 -7.13
C SER A 313 -19.84 -6.16 -7.52
N LEU A 314 -18.79 -5.96 -6.72
CA LEU A 314 -17.42 -6.46 -7.06
C LEU A 314 -17.40 -7.99 -6.93
N GLY A 315 -17.78 -8.49 -5.76
CA GLY A 315 -17.90 -9.93 -5.45
C GLY A 315 -18.92 -10.62 -6.35
N GLU A 316 -20.09 -10.01 -6.55
CA GLU A 316 -21.16 -10.55 -7.46
C GLU A 316 -20.54 -10.80 -8.84
N THR A 317 -19.80 -9.82 -9.36
CA THR A 317 -19.24 -9.78 -10.73
C THR A 317 -18.27 -10.95 -10.95
N ILE A 318 -17.42 -11.23 -9.96
CA ILE A 318 -16.47 -12.38 -10.02
C ILE A 318 -17.26 -13.68 -9.86
N ARG A 319 -18.20 -13.75 -8.90
CA ARG A 319 -19.04 -14.97 -8.67
C ARG A 319 -19.76 -15.36 -9.98
N LEU A 320 -20.38 -14.38 -10.66
CA LEU A 320 -21.20 -14.61 -11.90
C LEU A 320 -20.29 -14.98 -13.08
N ALA A 321 -19.11 -14.38 -13.17
CA ALA A 321 -18.14 -14.65 -14.26
C ALA A 321 -17.56 -16.07 -14.10
N ARG A 322 -17.20 -16.49 -12.88
CA ARG A 322 -16.80 -17.90 -12.60
C ARG A 322 -17.91 -18.84 -13.10
N ASP A 323 -19.18 -18.54 -12.74
CA ASP A 323 -20.41 -19.32 -13.03
C ASP A 323 -20.84 -19.22 -14.50
N LYS A 324 -20.09 -18.48 -15.34
CA LYS A 324 -20.43 -18.20 -16.76
C LYS A 324 -21.91 -17.80 -16.92
N ASN A 325 -22.49 -17.14 -15.90
CA ASN A 325 -23.88 -16.64 -15.84
C ASN A 325 -23.93 -15.27 -16.54
N TYR A 326 -23.63 -15.25 -17.84
CA TYR A 326 -23.47 -14.04 -18.69
C TYR A 326 -24.78 -13.23 -18.75
N ASP A 327 -25.93 -13.90 -18.58
CA ASP A 327 -27.28 -13.29 -18.60
C ASP A 327 -27.43 -12.33 -17.42
N GLU A 328 -26.91 -12.69 -16.23
CA GLU A 328 -26.99 -11.85 -15.01
C GLU A 328 -25.71 -11.00 -14.84
N LEU A 329 -24.59 -11.36 -15.50
CA LEU A 329 -23.25 -10.73 -15.30
C LEU A 329 -23.21 -9.37 -16.01
N LEU A 330 -23.36 -9.37 -17.33
CA LEU A 330 -23.27 -8.15 -18.18
C LEU A 330 -24.17 -7.05 -17.60
N PRO A 331 -25.46 -7.34 -17.28
CA PRO A 331 -26.31 -6.39 -16.56
C PRO A 331 -25.80 -5.90 -15.19
N THR A 332 -25.14 -6.76 -14.43
CA THR A 332 -24.45 -6.38 -13.15
C THR A 332 -23.24 -5.50 -13.49
N MET A 333 -22.51 -5.81 -14.57
CA MET A 333 -21.22 -5.14 -14.98
C MET A 333 -21.47 -3.78 -15.66
N GLU A 334 -22.66 -3.59 -16.22
CA GLU A 334 -23.06 -2.32 -16.87
C GLU A 334 -23.55 -1.37 -15.77
N ARG A 335 -24.37 -1.89 -14.86
CA ARG A 335 -24.92 -1.15 -13.68
C ARG A 335 -23.81 -0.66 -12.74
N ALA A 336 -22.81 -1.49 -12.44
CA ALA A 336 -21.70 -1.16 -11.51
C ALA A 336 -20.59 -0.41 -12.26
N GLY A 337 -20.80 -0.05 -13.53
CA GLY A 337 -19.86 0.74 -14.33
C GLY A 337 -18.60 -0.06 -14.60
N VAL A 345 -18.49 -5.13 -25.91
CA VAL A 345 -18.60 -6.30 -25.06
C VAL A 345 -18.75 -7.60 -25.82
N SER A 346 -17.64 -8.24 -26.11
CA SER A 346 -17.65 -9.64 -26.41
C SER A 346 -17.77 -10.33 -25.09
N ILE A 347 -18.14 -11.60 -25.14
CA ILE A 347 -18.19 -12.50 -23.95
C ILE A 347 -16.76 -12.99 -23.66
N GLU A 348 -15.93 -13.05 -24.70
CA GLU A 348 -14.46 -13.32 -24.63
C GLU A 348 -13.77 -12.20 -23.84
N GLU A 349 -14.02 -10.95 -24.24
CA GLU A 349 -13.34 -9.71 -23.77
C GLU A 349 -13.53 -9.52 -22.25
N VAL A 350 -14.76 -9.72 -21.75
CA VAL A 350 -15.12 -9.73 -20.31
C VAL A 350 -14.34 -10.83 -19.60
N GLU A 351 -14.53 -12.08 -20.03
CA GLU A 351 -13.76 -13.27 -19.57
C GLU A 351 -12.27 -12.91 -19.47
N ASP A 352 -11.70 -12.27 -20.50
CA ASP A 352 -10.27 -11.85 -20.52
C ASP A 352 -9.98 -10.82 -19.41
N MET A 353 -10.74 -9.74 -19.32
CA MET A 353 -10.43 -8.65 -18.35
C MET A 353 -10.62 -9.13 -16.91
N LEU A 354 -11.45 -10.16 -16.67
CA LEU A 354 -11.78 -10.66 -15.29
C LEU A 354 -10.87 -11.83 -14.86
N ARG A 355 -9.96 -12.30 -15.72
CA ARG A 355 -9.29 -13.62 -15.59
C ARG A 355 -8.43 -13.65 -14.32
N GLN A 356 -7.60 -12.62 -14.11
CA GLN A 356 -6.65 -12.52 -12.97
C GLN A 356 -7.41 -12.50 -11.63
N TYR A 357 -8.71 -12.17 -11.66
CA TYR A 357 -9.58 -12.12 -10.46
C TYR A 357 -10.37 -13.44 -10.37
N VAL A 358 -10.83 -13.98 -11.51
CA VAL A 358 -11.68 -15.20 -11.51
C VAL A 358 -10.81 -16.45 -11.34
N ASP A 359 -9.73 -16.59 -12.10
CA ASP A 359 -8.92 -17.83 -12.19
C ASP A 359 -8.45 -18.25 -10.79
N PRO A 360 -7.96 -17.33 -9.93
CA PRO A 360 -7.56 -17.69 -8.57
C PRO A 360 -8.67 -18.19 -7.64
N ILE A 361 -9.95 -17.86 -7.87
CA ILE A 361 -10.99 -18.32 -6.94
C ILE A 361 -11.75 -19.54 -7.51
N LYS A 362 -11.34 -20.06 -8.67
CA LYS A 362 -11.89 -21.33 -9.22
C LYS A 362 -11.35 -22.57 -8.48
N VAL A 363 -10.24 -22.45 -7.72
CA VAL A 363 -9.53 -23.57 -7.00
C VAL A 363 -9.43 -23.20 -5.52
N ASP A 364 -9.27 -24.19 -4.65
CA ASP A 364 -9.22 -24.00 -3.17
C ASP A 364 -7.95 -23.19 -2.87
N VAL A 365 -6.87 -23.48 -3.59
CA VAL A 365 -5.52 -22.87 -3.31
C VAL A 365 -4.89 -22.58 -4.66
N PHE A 366 -4.71 -21.29 -4.98
CA PHE A 366 -4.12 -20.83 -6.25
C PHE A 366 -2.61 -20.56 -6.06
N HIS A 367 -1.81 -21.06 -6.99
CA HIS A 367 -0.35 -20.79 -7.09
C HIS A 367 -0.08 -19.58 -7.98
N TYR A 368 0.00 -18.39 -7.37
CA TYR A 368 0.41 -17.17 -8.08
C TYR A 368 1.86 -17.35 -8.50
N ASN A 369 2.20 -16.88 -9.68
CA ASN A 369 3.56 -16.99 -10.25
C ASN A 369 3.69 -16.00 -11.40
N ARG A 370 4.94 -15.62 -11.69
CA ARG A 370 5.32 -14.58 -12.64
C ARG A 370 4.86 -14.99 -14.04
N LYS A 371 4.98 -16.28 -14.38
CA LYS A 371 4.60 -16.74 -15.75
C LYS A 371 3.10 -16.53 -15.95
N TRP A 372 2.27 -16.93 -15.00
CA TRP A 372 0.82 -16.76 -15.06
C TRP A 372 0.48 -15.27 -15.18
N LEU A 373 1.12 -14.42 -14.36
CA LEU A 373 0.92 -12.94 -14.43
C LEU A 373 1.09 -12.46 -15.88
N GLN A 374 2.22 -12.82 -16.51
CA GLN A 374 2.64 -12.41 -17.87
C GLN A 374 1.67 -12.95 -18.93
N LYS A 375 0.89 -13.96 -18.57
CA LYS A 375 -0.12 -14.56 -19.39
C LYS A 375 -1.32 -13.71 -19.31
N MET A 376 -1.89 -13.61 -18.11
CA MET A 376 -3.02 -12.75 -17.88
C MET A 376 -2.79 -11.37 -18.44
N ALA A 377 -1.55 -10.98 -18.73
CA ALA A 377 -1.32 -9.62 -19.21
C ALA A 377 -1.47 -9.64 -20.68
N ALA A 378 -0.55 -10.36 -21.28
CA ALA A 378 -0.30 -10.35 -22.69
C ALA A 378 -1.50 -10.81 -23.50
N SER A 379 -1.55 -10.30 -24.74
CA SER A 379 -2.80 -10.21 -25.54
C SER A 379 -2.63 -10.62 -26.96
N GLN A 380 -3.74 -10.84 -27.62
CA GLN A 380 -3.77 -10.97 -29.06
C GLN A 380 -2.82 -12.01 -29.62
N PRO A 397 -14.00 4.78 -13.11
CA PRO A 397 -14.80 5.41 -12.04
C PRO A 397 -13.96 5.48 -10.81
N ALA A 398 -13.55 6.68 -10.42
CA ALA A 398 -12.48 6.83 -9.46
C ALA A 398 -12.90 6.22 -8.15
N ASN A 399 -14.17 5.90 -8.02
CA ASN A 399 -14.65 5.34 -6.79
C ASN A 399 -13.91 4.06 -6.43
N LEU A 400 -13.78 3.20 -7.39
CA LEU A 400 -13.14 1.95 -7.18
C LEU A 400 -11.76 1.94 -7.82
N ALA A 401 -11.56 2.86 -8.75
CA ALA A 401 -10.33 2.95 -9.57
C ALA A 401 -9.11 2.59 -8.72
N ILE A 402 -8.84 3.34 -7.64
CA ILE A 402 -7.59 3.18 -6.84
C ILE A 402 -7.64 1.82 -6.15
N PRO A 403 -8.77 1.44 -5.52
CA PRO A 403 -8.98 0.08 -5.00
C PRO A 403 -8.64 -1.07 -5.94
N LEU A 404 -9.03 -0.97 -7.21
CA LEU A 404 -8.81 -2.04 -8.20
C LEU A 404 -7.32 -2.05 -8.54
N ARG A 405 -6.69 -0.89 -8.60
CA ARG A 405 -5.23 -0.76 -8.75
C ARG A 405 -4.48 -1.45 -7.60
N VAL A 406 -4.94 -1.29 -6.36
CA VAL A 406 -4.28 -1.92 -5.18
C VAL A 406 -4.52 -3.44 -5.25
N ILE A 407 -5.70 -3.87 -5.66
CA ILE A 407 -5.98 -5.33 -5.83
C ILE A 407 -5.02 -5.91 -6.88
N ALA A 408 -4.79 -5.25 -8.00
CA ALA A 408 -3.92 -5.75 -9.09
C ALA A 408 -2.48 -5.73 -8.56
N SER A 409 -2.12 -4.73 -7.76
CA SER A 409 -0.76 -4.60 -7.16
C SER A 409 -0.50 -5.77 -6.22
N THR A 410 -1.50 -6.17 -5.44
CA THR A 410 -1.43 -7.32 -4.53
C THR A 410 -1.27 -8.60 -5.35
N VAL A 411 -2.00 -8.72 -6.45
CA VAL A 411 -1.84 -9.95 -7.30
C VAL A 411 -0.40 -10.03 -7.75
N ALA A 412 0.15 -8.93 -8.22
CA ALA A 412 1.50 -8.86 -8.80
C ALA A 412 2.52 -9.30 -7.74
N ILE A 413 2.34 -8.80 -6.51
CA ILE A 413 3.29 -9.11 -5.40
C ILE A 413 3.15 -10.59 -5.07
N CYS A 414 1.94 -11.11 -4.99
CA CYS A 414 1.75 -12.55 -4.78
C CYS A 414 2.49 -13.34 -5.86
N CYS A 415 2.40 -12.92 -7.14
CA CYS A 415 3.18 -13.51 -8.27
C CYS A 415 4.70 -13.45 -8.02
N GLN A 416 5.27 -12.32 -7.58
CA GLN A 416 6.73 -12.25 -7.27
C GLN A 416 7.04 -13.18 -6.07
N LEU A 417 6.16 -13.26 -5.07
CA LEU A 417 6.38 -14.16 -3.93
C LEU A 417 6.31 -15.64 -4.39
N ASP A 418 5.65 -15.90 -5.52
CA ASP A 418 5.33 -17.31 -5.94
C ASP A 418 4.42 -17.99 -4.93
N ALA A 419 3.50 -17.23 -4.35
CA ALA A 419 2.67 -17.64 -3.20
C ALA A 419 1.51 -18.56 -3.66
N HIS A 420 1.36 -19.67 -2.93
CA HIS A 420 0.13 -20.47 -2.86
C HIS A 420 -0.84 -19.81 -1.87
N VAL A 421 -2.00 -19.37 -2.35
CA VAL A 421 -2.94 -18.58 -1.54
C VAL A 421 -4.35 -19.16 -1.67
N PRO A 422 -5.05 -19.34 -0.52
CA PRO A 422 -6.45 -19.79 -0.51
C PRO A 422 -7.37 -18.60 -0.75
N VAL A 423 -7.30 -18.05 -1.94
CA VAL A 423 -8.01 -16.79 -2.32
C VAL A 423 -9.52 -17.05 -2.18
N LYS A 424 -10.00 -18.20 -2.64
CA LYS A 424 -11.45 -18.53 -2.57
C LYS A 424 -11.99 -18.34 -1.15
N VAL A 425 -11.40 -18.93 -0.11
CA VAL A 425 -12.00 -18.81 1.24
C VAL A 425 -11.88 -17.36 1.75
N ILE A 426 -10.78 -16.67 1.45
CA ILE A 426 -10.58 -15.26 1.95
C ILE A 426 -11.66 -14.37 1.30
N ALA A 427 -11.87 -14.50 -0.01
CA ALA A 427 -12.89 -13.72 -0.76
C ALA A 427 -14.28 -14.11 -0.25
N THR A 428 -14.51 -15.38 0.05
CA THR A 428 -15.83 -15.86 0.58
C THR A 428 -16.10 -15.16 1.91
N GLU A 429 -15.09 -14.96 2.76
CA GLU A 429 -15.26 -14.39 4.11
C GLU A 429 -15.34 -12.84 4.07
N LEU A 430 -14.63 -12.18 3.16
CA LEU A 430 -14.34 -10.71 3.29
C LEU A 430 -14.88 -9.90 2.13
N VAL A 431 -15.16 -10.47 0.96
CA VAL A 431 -15.52 -9.66 -0.25
C VAL A 431 -17.05 -9.68 -0.37
N PRO A 432 -17.72 -8.51 -0.20
CA PRO A 432 -19.18 -8.46 -0.26
C PRO A 432 -19.68 -8.99 -1.61
N GLY A 433 -20.69 -9.87 -1.57
CA GLY A 433 -21.41 -10.43 -2.73
C GLY A 433 -20.72 -11.62 -3.37
N PHE A 434 -19.56 -12.05 -2.84
CA PHE A 434 -18.83 -13.19 -3.44
C PHE A 434 -19.46 -14.52 -2.96
N ALA A 435 -19.84 -14.64 -1.68
CA ALA A 435 -20.42 -15.85 -1.03
C ALA A 435 -21.69 -16.35 -1.73
#